data_8PMB
#
_entry.id   8PMB
#
_entity_poly.entity_id   1
_entity_poly.type   'polydeoxyribonucleotide'
_entity_poly.pdbx_seq_one_letter_code
;(DC)(DC)(DT)(DT)(DT)(DNR)(DT)(DT)(DT)(DC)(DNR)(DT)(DT)(DT)(DC)
;
_entity_poly.pdbx_strand_id   A
#
loop_
_chem_comp.id
_chem_comp.type
_chem_comp.name
_chem_comp.formula
DC DNA linking 2'-DEOXYCYTIDINE-5'-MONOPHOSPHATE 'C9 H14 N3 O7 P'
DNR DNA linking '2'-DEOXY-N3-PROTONATED CYTIDINE-5'-MONOPHOSPHATE' 'C9 H15 N3 O7 P 1'
DT DNA linking THYMIDINE-5'-MONOPHOSPHATE 'C10 H15 N2 O8 P'
#
# COMPACT_ATOMS: atom_id res chain seq x y z
P DNR A 6 0.60 -4.19 -4.21
OP1 DNR A 6 0.33 -3.62 -5.55
OP2 DNR A 6 1.23 -5.52 -4.09
O5' DNR A 6 1.46 -3.11 -3.34
C5' DNR A 6 1.23 -1.70 -3.45
C4' DNR A 6 1.64 -0.95 -2.18
O4' DNR A 6 0.78 -1.23 -1.10
C1' DNR A 6 1.41 -0.71 0.05
N1 DNR A 6 1.03 -1.49 1.25
C6 DNR A 6 1.17 -2.86 1.24
C2 DNR A 6 0.59 -0.83 2.40
O2 DNR A 6 0.50 0.39 2.49
N3 DNR A 6 0.23 -1.62 3.49
C4 DNR A 6 0.32 -2.98 3.44
N4 DNR A 6 -0.16 -3.71 4.48
C5 DNR A 6 0.80 -3.58 2.33
C2' DNR A 6 2.91 -0.80 -0.23
C3' DNR A 6 3.05 -1.29 -1.67
O3' DNR A 6 4.09 -0.59 -2.35
H5' DNR A 6 0.17 -1.51 -3.61
H5'' DNR A 6 1.78 -1.32 -4.30
H4' DNR A 6 1.60 0.13 -2.38
H1' DNR A 6 1.15 0.35 0.18
H6 DNR A 6 1.53 -3.35 0.35
HN3 DNR A 6 0.02 -1.10 4.33
H41 DNR A 6 -0.46 -3.18 5.29
H42 DNR A 6 -0.71 -4.54 4.17
H5 DNR A 6 0.90 -4.65 2.28
H2' DNR A 6 3.37 -1.53 0.41
H2'' DNR A 6 3.36 0.18 -0.09
H3' DNR A 6 3.18 -2.37 -1.68
P DNR A 11 3.22 3.60 -1.49
OP1 DNR A 11 4.17 3.21 -2.57
OP2 DNR A 11 2.80 5.03 -1.40
O5' DNR A 11 1.91 2.67 -1.62
C5' DNR A 11 0.69 3.13 -2.21
C4' DNR A 11 -0.44 2.10 -2.05
O4' DNR A 11 -0.50 1.65 -0.72
C1' DNR A 11 -1.75 1.03 -0.49
N1 DNR A 11 -2.13 1.31 0.92
C6 DNR A 11 -2.04 2.59 1.42
C2 DNR A 11 -2.45 0.25 1.78
O2 DNR A 11 -2.41 -0.94 1.46
N3 DNR A 11 -2.78 0.56 3.09
C4 DNR A 11 -2.70 1.85 3.56
N4 DNR A 11 -3.03 2.10 4.85
C5 DNR A 11 -2.31 2.85 2.73
C2' DNR A 11 -2.69 1.64 -1.53
C3' DNR A 11 -1.85 2.62 -2.35
O3' DNR A 11 -2.24 2.51 -3.71
H5' DNR A 11 0.85 3.32 -3.26
H5'' DNR A 11 0.39 4.05 -1.72
H4' DNR A 11 -0.28 1.24 -2.70
H1' DNR A 11 -1.68 -0.04 -0.69
H6 DNR A 11 -1.72 3.39 0.77
HN3 DNR A 11 -2.99 -0.24 3.68
H41 DNR A 11 -3.24 1.31 5.47
H42 DNR A 11 -2.99 3.07 5.18
H5 DNR A 11 -2.23 3.87 3.09
H2' DNR A 11 -3.51 2.17 -1.06
H2'' DNR A 11 -3.08 0.84 -2.16
H3' DNR A 11 -1.96 3.63 -1.95
P DNR A 6 0.59 -4.17 -4.21
OP1 DNR A 6 0.32 -3.61 -5.57
OP2 DNR A 6 1.23 -5.51 -4.12
O5' DNR A 6 1.45 -3.11 -3.35
C5' DNR A 6 1.21 -1.70 -3.46
C4' DNR A 6 1.65 -0.94 -2.20
O4' DNR A 6 0.77 -1.22 -1.11
C1' DNR A 6 1.41 -0.70 0.04
N1 DNR A 6 1.04 -1.48 1.24
C6 DNR A 6 1.17 -2.85 1.23
C2 DNR A 6 0.59 -0.83 2.39
O2 DNR A 6 0.50 0.39 2.48
N3 DNR A 6 0.23 -1.61 3.48
C4 DNR A 6 0.32 -2.97 3.42
N4 DNR A 6 -0.17 -3.72 4.46
C5 DNR A 6 0.80 -3.58 2.32
C2' DNR A 6 2.91 -0.79 -0.25
C3' DNR A 6 3.04 -1.27 -1.69
O3' DNR A 6 4.09 -0.58 -2.37
H5' DNR A 6 0.16 -1.51 -3.62
H5'' DNR A 6 1.76 -1.30 -4.32
H4' DNR A 6 1.60 0.13 -2.38
H1' DNR A 6 1.16 0.35 0.17
H6 DNR A 6 1.53 -3.34 0.33
HN3 DNR A 6 0.02 -1.09 4.32
H41 DNR A 6 -0.46 -3.17 5.28
H42 DNR A 6 -0.70 -4.53 4.16
H5 DNR A 6 0.90 -4.64 2.27
H2' DNR A 6 3.37 -1.53 0.40
H2'' DNR A 6 3.36 0.19 -0.10
H3' DNR A 6 3.17 -2.37 -1.70
P DNR A 11 3.20 3.61 -1.49
OP1 DNR A 11 4.14 3.23 -2.58
OP2 DNR A 11 2.78 5.04 -1.40
O5' DNR A 11 1.89 2.67 -1.61
C5' DNR A 11 0.68 3.12 -2.20
C4' DNR A 11 -0.46 2.09 -2.05
O4' DNR A 11 -0.51 1.65 -0.71
C1' DNR A 11 -1.75 1.03 -0.48
N1 DNR A 11 -2.13 1.30 0.93
C6 DNR A 11 -2.04 2.58 1.43
C2 DNR A 11 -2.46 0.24 1.80
O2 DNR A 11 -2.42 -0.95 1.47
N3 DNR A 11 -2.79 0.56 3.11
C4 DNR A 11 -2.70 1.85 3.58
N4 DNR A 11 -3.02 2.08 4.87
C5 DNR A 11 -2.33 2.84 2.74
C2' DNR A 11 -2.70 1.63 -1.52
C3' DNR A 11 -1.86 2.61 -2.34
O3' DNR A 11 -2.26 2.51 -3.71
H5' DNR A 11 0.83 3.32 -3.26
H5'' DNR A 11 0.37 4.05 -1.72
H4' DNR A 11 -0.30 1.23 -2.70
H1' DNR A 11 -1.68 -0.04 -0.68
H6 DNR A 11 -1.72 3.39 0.78
HN3 DNR A 11 -2.99 -0.24 3.69
H41 DNR A 11 -3.24 1.30 5.47
H42 DNR A 11 -3.00 3.07 5.19
H5 DNR A 11 -2.23 3.87 3.10
H2' DNR A 11 -3.52 2.15 -1.05
H2'' DNR A 11 -3.09 0.83 -2.15
H3' DNR A 11 -1.97 3.62 -1.94
P DNR A 6 0.59 -4.17 -4.22
OP1 DNR A 6 0.32 -3.61 -5.57
OP2 DNR A 6 1.23 -5.50 -4.11
O5' DNR A 6 1.45 -3.11 -3.35
C5' DNR A 6 1.21 -1.70 -3.46
C4' DNR A 6 1.64 -0.94 -2.20
O4' DNR A 6 0.77 -1.22 -1.11
C1' DNR A 6 1.41 -0.70 0.04
N1 DNR A 6 1.04 -1.48 1.24
C6 DNR A 6 1.17 -2.85 1.23
C2 DNR A 6 0.59 -0.83 2.39
O2 DNR A 6 0.50 0.40 2.49
N3 DNR A 6 0.23 -1.61 3.48
C4 DNR A 6 0.32 -2.98 3.43
N4 DNR A 6 -0.17 -3.71 4.45
C5 DNR A 6 0.80 -3.58 2.32
C2' DNR A 6 2.91 -0.79 -0.25
C3' DNR A 6 3.04 -1.27 -1.69
O3' DNR A 6 4.09 -0.58 -2.37
H5' DNR A 6 0.16 -1.51 -3.62
H5'' DNR A 6 1.76 -1.30 -4.32
H4' DNR A 6 1.60 0.13 -2.38
H1' DNR A 6 1.16 0.35 0.17
H6 DNR A 6 1.53 -3.34 0.33
HN3 DNR A 6 0.02 -1.09 4.32
H41 DNR A 6 -0.46 -3.17 5.28
H42 DNR A 6 -0.70 -4.53 4.16
H5 DNR A 6 0.89 -4.64 2.27
H2' DNR A 6 3.37 -1.53 0.40
H2'' DNR A 6 3.36 0.19 -0.10
H3' DNR A 6 3.17 -2.36 -1.69
P DNR A 11 3.20 3.61 -1.49
OP1 DNR A 11 4.15 3.23 -2.57
OP2 DNR A 11 2.78 5.04 -1.40
O5' DNR A 11 1.90 2.67 -1.61
C5' DNR A 11 0.68 3.12 -2.20
C4' DNR A 11 -0.45 2.09 -2.05
O4' DNR A 11 -0.51 1.65 -0.71
C1' DNR A 11 -1.75 1.03 -0.48
N1 DNR A 11 -2.13 1.30 0.93
C6 DNR A 11 -2.04 2.58 1.43
C2 DNR A 11 -2.46 0.24 1.80
O2 DNR A 11 -2.42 -0.95 1.47
N3 DNR A 11 -2.79 0.56 3.11
C4 DNR A 11 -2.70 1.85 3.58
N4 DNR A 11 -3.02 2.08 4.87
C5 DNR A 11 -2.32 2.84 2.74
C2' DNR A 11 -2.70 1.63 -1.52
C3' DNR A 11 -1.86 2.61 -2.34
O3' DNR A 11 -2.26 2.51 -3.71
H5' DNR A 11 0.83 3.32 -3.26
H5'' DNR A 11 0.37 4.05 -1.72
H4' DNR A 11 -0.30 1.24 -2.69
H1' DNR A 11 -1.68 -0.04 -0.68
H6 DNR A 11 -1.72 3.39 0.78
HN3 DNR A 11 -2.99 -0.24 3.69
H41 DNR A 11 -3.24 1.30 5.47
H42 DNR A 11 -3.00 3.07 5.19
H5 DNR A 11 -2.23 3.87 3.10
H2' DNR A 11 -3.52 2.15 -1.05
H2'' DNR A 11 -3.09 0.83 -2.15
H3' DNR A 11 -1.97 3.62 -1.94
P DNR A 6 0.59 -4.17 -4.21
OP1 DNR A 6 0.32 -3.61 -5.57
OP2 DNR A 6 1.23 -5.51 -4.12
O5' DNR A 6 1.45 -3.11 -3.35
C5' DNR A 6 1.21 -1.70 -3.46
C4' DNR A 6 1.64 -0.94 -2.20
O4' DNR A 6 0.77 -1.22 -1.11
C1' DNR A 6 1.41 -0.70 0.04
N1 DNR A 6 1.04 -1.48 1.24
C6 DNR A 6 1.16 -2.85 1.23
C2 DNR A 6 0.59 -0.83 2.39
O2 DNR A 6 0.50 0.39 2.48
N3 DNR A 6 0.23 -1.61 3.47
C4 DNR A 6 0.32 -2.97 3.42
N4 DNR A 6 -0.16 -3.71 4.46
C5 DNR A 6 0.80 -3.57 2.31
C2' DNR A 6 2.91 -0.79 -0.25
C3' DNR A 6 3.04 -1.27 -1.69
O3' DNR A 6 4.08 -0.58 -2.37
H5' DNR A 6 0.15 -1.51 -3.62
H5'' DNR A 6 1.76 -1.30 -4.32
H4' DNR A 6 1.59 0.13 -2.38
H1' DNR A 6 1.16 0.35 0.17
H6 DNR A 6 1.53 -3.34 0.33
HN3 DNR A 6 0.03 -1.09 4.31
H41 DNR A 6 -0.46 -3.17 5.28
H42 DNR A 6 -0.70 -4.53 4.16
H5 DNR A 6 0.90 -4.64 2.27
H2' DNR A 6 3.37 -1.52 0.39
H2'' DNR A 6 3.36 0.19 -0.10
H3' DNR A 6 3.17 -2.37 -1.70
P DNR A 11 3.20 3.61 -1.49
OP1 DNR A 11 4.14 3.23 -2.58
OP2 DNR A 11 2.78 5.04 -1.40
O5' DNR A 11 1.89 2.67 -1.61
C5' DNR A 11 0.68 3.12 -2.20
C4' DNR A 11 -0.46 2.09 -2.05
O4' DNR A 11 -0.51 1.65 -0.71
C1' DNR A 11 -1.76 1.03 -0.48
N1 DNR A 11 -2.14 1.30 0.94
C6 DNR A 11 -2.04 2.58 1.43
C2 DNR A 11 -2.46 0.24 1.80
O2 DNR A 11 -2.42 -0.95 1.47
N3 DNR A 11 -2.79 0.56 3.11
C4 DNR A 11 -2.70 1.85 3.58
N4 DNR A 11 -3.02 2.08 4.87
C5 DNR A 11 -2.33 2.84 2.74
C2' DNR A 11 -2.70 1.63 -1.52
C3' DNR A 11 -1.87 2.61 -2.34
O3' DNR A 11 -2.26 2.51 -3.71
H5' DNR A 11 0.83 3.32 -3.26
H5'' DNR A 11 0.36 4.06 -1.73
H4' DNR A 11 -0.30 1.23 -2.70
H1' DNR A 11 -1.68 -0.04 -0.68
H6 DNR A 11 -1.73 3.39 0.78
HN3 DNR A 11 -2.99 -0.24 3.69
H41 DNR A 11 -3.24 1.30 5.47
H42 DNR A 11 -3.00 3.07 5.19
H5 DNR A 11 -2.23 3.87 3.10
H2' DNR A 11 -3.52 2.15 -1.05
H2'' DNR A 11 -3.09 0.83 -2.15
H3' DNR A 11 -1.98 3.62 -1.95
P DNR A 6 0.59 -4.17 -4.21
OP1 DNR A 6 0.32 -3.61 -5.57
OP2 DNR A 6 1.23 -5.50 -4.11
O5' DNR A 6 1.45 -3.11 -3.35
C5' DNR A 6 1.21 -1.70 -3.46
C4' DNR A 6 1.64 -0.94 -2.20
O4' DNR A 6 0.77 -1.22 -1.11
C1' DNR A 6 1.41 -0.70 0.04
N1 DNR A 6 1.04 -1.48 1.24
C6 DNR A 6 1.17 -2.85 1.23
C2 DNR A 6 0.59 -0.83 2.39
O2 DNR A 6 0.50 0.40 2.49
N3 DNR A 6 0.23 -1.61 3.48
C4 DNR A 6 0.32 -2.97 3.42
N4 DNR A 6 -0.17 -3.71 4.45
C5 DNR A 6 0.80 -3.58 2.32
C2' DNR A 6 2.91 -0.79 -0.25
C3' DNR A 6 3.04 -1.27 -1.69
O3' DNR A 6 4.09 -0.58 -2.37
H5' DNR A 6 0.16 -1.51 -3.62
H5'' DNR A 6 1.76 -1.30 -4.32
H4' DNR A 6 1.60 0.13 -2.38
H1' DNR A 6 1.16 0.35 0.17
H6 DNR A 6 1.53 -3.34 0.33
HN3 DNR A 6 0.03 -1.09 4.31
H41 DNR A 6 -0.46 -3.17 5.28
H42 DNR A 6 -0.70 -4.53 4.16
H5 DNR A 6 0.90 -4.64 2.27
H2' DNR A 6 3.37 -1.53 0.40
H2'' DNR A 6 3.36 0.19 -0.10
H3' DNR A 6 3.17 -2.36 -1.69
P DNR A 11 3.20 3.61 -1.49
OP1 DNR A 11 4.14 3.23 -2.58
OP2 DNR A 11 2.78 5.04 -1.40
O5' DNR A 11 1.90 2.67 -1.61
C5' DNR A 11 0.68 3.12 -2.20
C4' DNR A 11 -0.46 2.09 -2.05
O4' DNR A 11 -0.51 1.65 -0.71
C1' DNR A 11 -1.76 1.03 -0.48
N1 DNR A 11 -2.13 1.30 0.93
C6 DNR A 11 -2.04 2.58 1.43
C2 DNR A 11 -2.46 0.24 1.80
O2 DNR A 11 -2.42 -0.95 1.47
N3 DNR A 11 -2.79 0.56 3.11
C4 DNR A 11 -2.70 1.85 3.58
N4 DNR A 11 -3.02 2.08 4.87
C5 DNR A 11 -2.33 2.84 2.74
C2' DNR A 11 -2.70 1.63 -1.52
C3' DNR A 11 -1.87 2.61 -2.34
O3' DNR A 11 -2.26 2.51 -3.71
H5' DNR A 11 0.83 3.32 -3.26
H5'' DNR A 11 0.37 4.05 -1.72
H4' DNR A 11 -0.30 1.24 -2.69
H1' DNR A 11 -1.68 -0.04 -0.68
H6 DNR A 11 -1.72 3.39 0.78
HN3 DNR A 11 -2.99 -0.24 3.69
H41 DNR A 11 -3.24 1.30 5.47
H42 DNR A 11 -3.00 3.07 5.19
H5 DNR A 11 -2.23 3.87 3.10
H2' DNR A 11 -3.52 2.15 -1.05
H2'' DNR A 11 -3.09 0.83 -2.15
H3' DNR A 11 -1.98 3.62 -1.95
P DNR A 6 0.59 -4.17 -4.21
OP1 DNR A 6 0.32 -3.61 -5.57
OP2 DNR A 6 1.23 -5.50 -4.11
O5' DNR A 6 1.45 -3.11 -3.35
C5' DNR A 6 1.22 -1.70 -3.46
C4' DNR A 6 1.65 -0.94 -2.20
O4' DNR A 6 0.77 -1.22 -1.11
C1' DNR A 6 1.41 -0.70 0.04
N1 DNR A 6 1.04 -1.48 1.24
C6 DNR A 6 1.17 -2.85 1.23
C2 DNR A 6 0.59 -0.83 2.39
O2 DNR A 6 0.50 0.40 2.49
N3 DNR A 6 0.23 -1.61 3.48
C4 DNR A 6 0.32 -2.97 3.42
N4 DNR A 6 -0.17 -3.72 4.46
C5 DNR A 6 0.80 -3.58 2.32
C2' DNR A 6 2.91 -0.79 -0.25
C3' DNR A 6 3.05 -1.27 -1.69
O3' DNR A 6 4.09 -0.58 -2.37
H5' DNR A 6 0.16 -1.51 -3.62
H5'' DNR A 6 1.77 -1.30 -4.32
H4' DNR A 6 1.60 0.13 -2.38
H1' DNR A 6 1.16 0.35 0.17
H6 DNR A 6 1.53 -3.34 0.33
HN3 DNR A 6 0.02 -1.09 4.32
H41 DNR A 6 -0.46 -3.17 5.28
H42 DNR A 6 -0.70 -4.53 4.16
H5 DNR A 6 0.90 -4.64 2.27
H2' DNR A 6 3.37 -1.53 0.40
H2'' DNR A 6 3.36 0.19 -0.10
H3' DNR A 6 3.18 -2.36 -1.69
P DNR A 11 3.20 3.61 -1.49
OP1 DNR A 11 4.15 3.23 -2.57
OP2 DNR A 11 2.78 5.04 -1.40
O5' DNR A 11 1.90 2.67 -1.61
C5' DNR A 11 0.68 3.12 -2.20
C4' DNR A 11 -0.45 2.09 -2.05
O4' DNR A 11 -0.50 1.65 -0.71
C1' DNR A 11 -1.75 1.03 -0.48
N1 DNR A 11 -2.13 1.30 0.93
C6 DNR A 11 -2.04 2.58 1.43
C2 DNR A 11 -2.46 0.24 1.80
O2 DNR A 11 -2.42 -0.95 1.47
N3 DNR A 11 -2.79 0.56 3.11
C4 DNR A 11 -2.70 1.85 3.58
N4 DNR A 11 -3.03 2.09 4.87
C5 DNR A 11 -2.33 2.84 2.74
C2' DNR A 11 -2.70 1.63 -1.52
C3' DNR A 11 -1.86 2.61 -2.34
O3' DNR A 11 -2.26 2.51 -3.71
H5' DNR A 11 0.84 3.32 -3.26
H5'' DNR A 11 0.37 4.05 -1.72
H4' DNR A 11 -0.29 1.23 -2.70
H1' DNR A 11 -1.68 -0.04 -0.68
H6 DNR A 11 -1.72 3.39 0.78
HN3 DNR A 11 -2.99 -0.24 3.69
H41 DNR A 11 -3.24 1.30 5.47
H42 DNR A 11 -3.01 3.07 5.19
H5 DNR A 11 -2.23 3.86 3.09
H2' DNR A 11 -3.52 2.15 -1.05
H2'' DNR A 11 -3.08 0.83 -2.15
H3' DNR A 11 -1.97 3.62 -1.94
P DNR A 6 0.59 -4.09 -4.29
OP1 DNR A 6 0.33 -3.51 -5.64
OP2 DNR A 6 1.20 -5.44 -4.19
O5' DNR A 6 1.47 -3.04 -3.43
C5' DNR A 6 1.27 -1.63 -3.52
C4' DNR A 6 1.69 -0.89 -2.26
O4' DNR A 6 0.81 -1.17 -1.18
C1' DNR A 6 1.45 -0.68 -0.02
N1 DNR A 6 1.07 -1.48 1.17
C6 DNR A 6 1.20 -2.84 1.14
C2 DNR A 6 0.62 -0.83 2.33
O2 DNR A 6 0.52 0.38 2.43
N3 DNR A 6 0.27 -1.64 3.41
C4 DNR A 6 0.37 -2.99 3.34
N4 DNR A 6 -0.10 -3.75 4.38
C5 DNR A 6 0.84 -3.58 2.22
C2' DNR A 6 2.95 -0.77 -0.30
C3' DNR A 6 3.09 -1.22 -1.74
O3' DNR A 6 4.13 -0.51 -2.41
H5' DNR A 6 0.22 -1.42 -3.70
H5'' DNR A 6 1.84 -1.24 -4.38
H4' DNR A 6 1.65 0.18 -2.43
H1' DNR A 6 1.19 0.37 0.13
H6 DNR A 6 1.55 -3.32 0.24
HN3 DNR A 6 0.06 -1.12 4.25
H41 DNR A 6 -0.40 -3.21 5.19
H42 DNR A 6 -0.66 -4.54 4.07
H5 DNR A 6 0.93 -4.65 2.18
H2' DNR A 6 3.41 -1.49 0.35
H2'' DNR A 6 3.39 0.22 -0.15
H3' DNR A 6 3.23 -2.31 -1.76
P DNR A 11 3.28 3.69 -1.45
OP1 DNR A 11 4.26 3.32 -2.52
OP2 DNR A 11 2.84 5.11 -1.35
O5' DNR A 11 1.97 2.73 -1.61
C5' DNR A 11 0.75 3.20 -2.16
C4' DNR A 11 -0.38 2.17 -2.02
O4' DNR A 11 -0.44 1.73 -0.68
C1' DNR A 11 -1.68 1.09 -0.46
N1 DNR A 11 -2.10 1.34 0.94
C6 DNR A 11 -2.02 2.62 1.46
C2 DNR A 11 -2.45 0.28 1.78
O2 DNR A 11 -2.38 -0.90 1.44
N3 DNR A 11 -2.83 0.57 3.08
C4 DNR A 11 -2.76 1.86 3.57
N4 DNR A 11 -3.12 2.08 4.86
C5 DNR A 11 -2.35 2.85 2.76
C2' DNR A 11 -2.62 1.69 -1.52
C3' DNR A 11 -1.78 2.68 -2.32
O3' DNR A 11 -2.17 2.60 -3.69
H5' DNR A 11 0.89 3.45 -3.21
H5'' DNR A 11 0.44 4.11 -1.63
H4' DNR A 11 -0.20 1.31 -2.67
H1' DNR A 11 -1.58 0.02 -0.67
H6 DNR A 11 -1.68 3.43 0.83
HN3 DNR A 11 -3.06 -0.24 3.65
H41 DNR A 11 -3.31 1.27 5.46
H42 DNR A 11 -3.03 3.04 5.21
H5 DNR A 11 -2.24 3.87 3.13
H2' DNR A 11 -3.45 2.20 -1.06
H2'' DNR A 11 -2.99 0.89 -2.16
H3' DNR A 11 -1.89 3.69 -1.91
P DNR A 6 0.59 -4.09 -4.29
OP1 DNR A 6 0.33 -3.51 -5.64
OP2 DNR A 6 1.19 -5.44 -4.19
O5' DNR A 6 1.47 -3.04 -3.43
C5' DNR A 6 1.27 -1.63 -3.52
C4' DNR A 6 1.69 -0.89 -2.26
O4' DNR A 6 0.81 -1.17 -1.18
C1' DNR A 6 1.45 -0.68 -0.02
N1 DNR A 6 1.07 -1.48 1.17
C6 DNR A 6 1.20 -2.84 1.14
C2 DNR A 6 0.62 -0.84 2.33
O2 DNR A 6 0.52 0.39 2.43
N3 DNR A 6 0.27 -1.64 3.41
C4 DNR A 6 0.37 -3.00 3.34
N4 DNR A 6 -0.10 -3.75 4.38
C5 DNR A 6 0.84 -3.58 2.22
C2' DNR A 6 2.95 -0.76 -0.29
C3' DNR A 6 3.09 -1.22 -1.74
O3' DNR A 6 4.13 -0.51 -2.41
H5' DNR A 6 0.22 -1.42 -3.70
H5'' DNR A 6 1.84 -1.24 -4.38
H4' DNR A 6 1.65 0.19 -2.43
H1' DNR A 6 1.19 0.37 0.13
H6 DNR A 6 1.55 -3.32 0.24
HN3 DNR A 6 0.06 -1.12 4.25
H41 DNR A 6 -0.40 -3.21 5.19
H42 DNR A 6 -0.66 -4.55 4.06
H5 DNR A 6 0.94 -4.65 2.16
H2' DNR A 6 3.41 -1.49 0.35
H2'' DNR A 6 3.39 0.22 -0.15
H3' DNR A 6 3.23 -2.31 -1.76
P DNR A 11 3.28 3.69 -1.45
OP1 DNR A 11 4.26 3.32 -2.52
OP2 DNR A 11 2.84 5.11 -1.35
O5' DNR A 11 1.97 2.73 -1.61
C5' DNR A 11 0.75 3.20 -2.16
C4' DNR A 11 -0.38 2.17 -2.02
O4' DNR A 11 -0.44 1.73 -0.68
C1' DNR A 11 -1.68 1.09 -0.46
N1 DNR A 11 -2.10 1.34 0.94
C6 DNR A 11 -2.02 2.62 1.46
C2 DNR A 11 -2.45 0.28 1.78
O2 DNR A 11 -2.38 -0.90 1.44
N3 DNR A 11 -2.83 0.57 3.08
C4 DNR A 11 -2.76 1.86 3.57
N4 DNR A 11 -3.12 2.08 4.86
C5 DNR A 11 -2.35 2.85 2.76
C2' DNR A 11 -2.62 1.69 -1.51
C3' DNR A 11 -1.77 2.69 -2.32
O3' DNR A 11 -2.17 2.60 -3.69
H5' DNR A 11 0.89 3.45 -3.21
H5'' DNR A 11 0.44 4.11 -1.63
H4' DNR A 11 -0.20 1.32 -2.67
H1' DNR A 11 -1.59 0.02 -0.67
H6 DNR A 11 -1.68 3.43 0.83
HN3 DNR A 11 -3.06 -0.24 3.65
H41 DNR A 11 -3.31 1.27 5.46
H42 DNR A 11 -3.03 3.04 5.21
H5 DNR A 11 -2.24 3.87 3.13
H2' DNR A 11 -3.46 2.21 -1.05
H2'' DNR A 11 -2.99 0.89 -2.16
H3' DNR A 11 -1.89 3.69 -1.91
P DNR A 6 0.29 -4.56 -4.27
OP1 DNR A 6 0.02 -4.01 -5.62
OP2 DNR A 6 0.87 -5.92 -4.16
O5' DNR A 6 1.21 -3.52 -3.44
C5' DNR A 6 1.05 -2.10 -3.58
C4' DNR A 6 1.53 -1.35 -2.33
O4' DNR A 6 0.68 -1.57 -1.22
C1' DNR A 6 1.36 -1.06 -0.10
N1 DNR A 6 0.96 -1.80 1.12
C6 DNR A 6 1.03 -3.18 1.14
C2 DNR A 6 0.59 -1.11 2.27
O2 DNR A 6 0.56 0.12 2.35
N3 DNR A 6 0.22 -1.85 3.38
C4 DNR A 6 0.25 -3.22 3.36
N4 DNR A 6 -0.24 -3.92 4.42
C5 DNR A 6 0.68 -3.86 2.25
C2' DNR A 6 2.84 -1.23 -0.40
C3' DNR A 6 2.93 -1.73 -1.85
O3' DNR A 6 3.98 -1.08 -2.56
H5' DNR A 6 0.00 -1.87 -3.72
H5'' DNR A 6 1.60 -1.75 -4.45
H4' DNR A 6 1.52 -0.27 -2.53
H1' DNR A 6 1.15 0.01 0.02
H6 DNR A 6 1.35 -3.69 0.24
HN3 DNR A 6 0.05 -1.30 4.22
H41 DNR A 6 -0.50 -3.35 5.24
H42 DNR A 6 -0.82 -4.71 4.14
H5 DNR A 6 0.73 -4.94 2.23
H2' DNR A 6 3.27 -1.98 0.23
H2'' DNR A 6 3.36 -0.28 -0.27
H3' DNR A 6 3.02 -2.82 -1.83
P DNR A 11 3.27 3.14 -1.83
OP1 DNR A 11 4.17 2.69 -2.92
OP2 DNR A 11 2.91 4.59 -1.75
O5' DNR A 11 1.92 2.26 -1.89
C5' DNR A 11 0.71 2.75 -2.47
C4' DNR A 11 -0.46 1.76 -2.27
O4' DNR A 11 -0.48 1.34 -0.92
C1' DNR A 11 -1.75 0.79 -0.63
N1 DNR A 11 -2.06 1.12 0.79
C6 DNR A 11 -1.88 2.40 1.25
C2 DNR A 11 -2.41 0.09 1.68
O2 DNR A 11 -2.44 -1.10 1.38
N3 DNR A 11 -2.69 0.45 3.00
C4 DNR A 11 -2.53 1.75 3.43
N4 DNR A 11 -2.81 2.03 4.73
C5 DNR A 11 -2.11 2.70 2.56
C2' DNR A 11 -2.69 1.42 -1.65
C3' DNR A 11 -1.85 2.33 -2.52
O3' DNR A 11 -2.30 2.22 -3.87
H5' DNR A 11 0.85 2.90 -3.54
H5'' DNR A 11 0.45 3.70 -2.01
H4' DNR A 11 -0.35 0.89 -2.90
H1' DNR A 11 -1.73 -0.29 -0.80
H6 DNR A 11 -1.54 3.17 0.58
HN3 DNR A 11 -2.92 -0.33 3.60
H41 DNR A 11 -3.05 1.26 5.36
H42 DNR A 11 -2.72 3.01 5.02
H5 DNR A 11 -1.95 3.72 2.89
H2' DNR A 11 -3.48 1.98 -1.16
H2'' DNR A 11 -3.15 0.61 -2.26
H3' DNR A 11 -1.90 3.35 -2.14
P DNR A 6 0.29 -4.56 -4.27
OP1 DNR A 6 0.02 -4.01 -5.62
OP2 DNR A 6 0.87 -5.92 -4.16
O5' DNR A 6 1.22 -3.52 -3.44
C5' DNR A 6 1.05 -2.11 -3.57
C4' DNR A 6 1.54 -1.35 -2.33
O4' DNR A 6 0.68 -1.58 -1.23
C1' DNR A 6 1.36 -1.06 -0.10
N1 DNR A 6 0.97 -1.80 1.12
C6 DNR A 6 1.03 -3.18 1.14
C2 DNR A 6 0.59 -1.11 2.27
O2 DNR A 6 0.56 0.12 2.35
N3 DNR A 6 0.22 -1.85 3.39
C4 DNR A 6 0.25 -3.22 3.36
N4 DNR A 6 -0.24 -3.92 4.42
C5 DNR A 6 0.68 -3.86 2.25
C2' DNR A 6 2.84 -1.23 -0.40
C3' DNR A 6 2.93 -1.73 -1.85
O3' DNR A 6 3.98 -1.08 -2.56
H5' DNR A 6 0.00 -1.86 -3.72
H5'' DNR A 6 1.61 -1.75 -4.44
H4' DNR A 6 1.52 -0.27 -2.53
H1' DNR A 6 1.15 0.01 0.02
H6 DNR A 6 1.36 -3.69 0.24
HN3 DNR A 6 0.05 -1.30 4.22
H41 DNR A 6 -0.50 -3.35 5.24
H42 DNR A 6 -0.82 -4.71 4.14
H5 DNR A 6 0.72 -4.94 2.23
H2' DNR A 6 3.27 -1.98 0.23
H2'' DNR A 6 3.36 -0.28 -0.27
H3' DNR A 6 3.02 -2.82 -1.83
P DNR A 11 3.28 3.14 -1.83
OP1 DNR A 11 4.17 2.69 -2.92
OP2 DNR A 11 2.92 4.59 -1.75
O5' DNR A 11 1.92 2.26 -1.89
C5' DNR A 11 0.71 2.75 -2.47
C4' DNR A 11 -0.45 1.77 -2.26
O4' DNR A 11 -0.48 1.34 -0.92
C1' DNR A 11 -1.75 0.79 -0.63
N1 DNR A 11 -2.06 1.12 0.79
C6 DNR A 11 -1.88 2.40 1.25
C2 DNR A 11 -2.41 0.09 1.68
O2 DNR A 11 -2.44 -1.10 1.38
N3 DNR A 11 -2.69 0.45 3.00
C4 DNR A 11 -2.53 1.75 3.43
N4 DNR A 11 -2.81 2.03 4.73
C5 DNR A 11 -2.11 2.70 2.56
C2' DNR A 11 -2.69 1.42 -1.65
C3' DNR A 11 -1.85 2.33 -2.52
O3' DNR A 11 -2.30 2.22 -3.87
H5' DNR A 11 0.85 2.90 -3.54
H5'' DNR A 11 0.45 3.70 -2.01
H4' DNR A 11 -0.35 0.89 -2.90
H1' DNR A 11 -1.73 -0.29 -0.80
H6 DNR A 11 -1.54 3.17 0.58
HN3 DNR A 11 -2.92 -0.33 3.60
H41 DNR A 11 -3.05 1.26 5.36
H42 DNR A 11 -2.72 3.01 5.02
H5 DNR A 11 -1.95 3.72 2.89
H2' DNR A 11 -3.48 1.98 -1.16
H2'' DNR A 11 -3.14 0.62 -2.25
H3' DNR A 11 -1.90 3.36 -2.15
#